data_1P11
#
_entry.id   1P11
#
_cell.length_a   66.570
_cell.length_b   66.570
_cell.length_c   80.080
_cell.angle_alpha   90.00
_cell.angle_beta   90.00
_cell.angle_gamma   120.00
#
_symmetry.space_group_name_H-M   'P 32 2 1'
#
loop_
_entity.id
_entity.type
_entity.pdbx_description
1 polymer 'ALPHA-LYTIC PROTEASE'
2 polymer 'PHOSPHONATE ESTER INHIBITOR A'
3 polymer 'PHOSPHONATE ESTER INHIBITOR B(TRANSITION STATE)'
4 non-polymer 'SULFATE ION'
5 water water
#
loop_
_entity_poly.entity_id
_entity_poly.type
_entity_poly.pdbx_seq_one_letter_code
_entity_poly.pdbx_strand_id
1 'polypeptide(L)'
;ANIVGGIEYSINNASLCSVGFSVTRGATKGFVTAGHCGTVNATARIGGAVVGTFAARVFPGNDRAWVSLTSAQTLLPRVA
NGSSFVTVRGSTEAAVGAAVCRSGRTTGYQCGTITAKNVTANYAEGAVRGLTQGNACMGRGDSGGSWITSAGQAQGVMSG
GNVQSNGNNCGIPASQRSSLFERLQPILSQYGLSLVTG
;
E
2 'polypeptide(L)' (BOC)AAP(PVA)(LAC)A P
3 'polypeptide(L)' (BOC)AAP(PVA) I
#
# COMPACT_ATOMS: atom_id res chain seq x y z
N ALA A 1 14.62 9.31 -8.07
CA ALA A 1 14.64 8.07 -7.25
C ALA A 1 14.03 6.97 -8.11
N ASN A 2 14.37 5.72 -7.84
CA ASN A 2 13.82 4.56 -8.55
C ASN A 2 12.57 4.24 -7.70
N ILE A 3 11.43 4.20 -8.34
CA ILE A 3 10.18 3.91 -7.57
C ILE A 3 9.88 2.40 -7.61
N VAL A 4 10.01 1.74 -6.48
CA VAL A 4 9.74 0.31 -6.38
C VAL A 4 8.72 0.14 -5.26
N GLY A 5 7.81 -0.82 -5.42
CA GLY A 5 6.76 -1.07 -4.39
C GLY A 5 7.46 -1.43 -3.08
N GLY A 6 6.94 -0.91 -1.98
CA GLY A 6 7.48 -1.27 -0.66
C GLY A 6 8.48 -0.32 -0.05
N ILE A 7 9.04 0.62 -0.82
CA ILE A 7 10.05 1.47 -0.19
C ILE A 7 9.41 2.61 0.56
N GLU A 8 10.23 3.15 1.48
CA GLU A 8 9.76 4.27 2.33
C GLU A 8 9.66 5.58 1.60
N TYR A 9 8.71 6.40 2.01
CA TYR A 9 8.61 7.80 1.53
C TYR A 9 8.12 8.58 2.73
N SER A 10 8.34 9.90 2.85
CA SER A 10 7.81 10.68 3.99
C SER A 10 6.78 11.67 3.46
N ILE A 11 5.89 12.13 4.31
CA ILE A 11 4.84 13.08 3.88
C ILE A 11 5.03 14.38 4.65
N ASN A 12 5.20 15.52 3.99
CA ASN A 12 5.42 16.77 4.73
C ASN A 12 6.46 16.69 5.86
N ASN A 13 7.53 15.93 5.57
CA ASN A 13 8.65 15.79 6.51
C ASN A 13 8.24 15.27 7.87
N ALA A 14 7.13 14.52 7.90
CA ALA A 14 6.65 13.99 9.20
C ALA A 14 6.37 12.51 9.13
N SER A 15 5.25 12.09 8.66
CA SER A 15 4.80 10.72 8.60
C SER A 15 5.57 9.89 7.60
N LEU A 16 5.56 8.57 7.86
CA LEU A 16 6.26 7.68 6.89
C LEU A 16 5.19 6.74 6.35
N CYS A 17 5.31 6.43 5.10
CA CYS A 17 4.40 5.41 4.49
C CYS A 17 5.25 4.57 3.51
N SER A 18 4.63 3.60 2.84
CA SER A 18 5.40 2.83 1.85
C SER A 18 4.73 3.02 0.46
N VAL A 19 5.52 2.90 -0.58
CA VAL A 19 4.97 2.99 -1.95
C VAL A 19 4.20 1.68 -2.23
N GLY A 20 3.09 1.85 -2.93
CA GLY A 20 2.29 0.70 -3.33
C GLY A 20 2.81 0.26 -4.71
N PHE A 21 2.41 0.93 -5.80
CA PHE A 21 2.78 0.53 -7.15
C PHE A 21 3.05 1.72 -8.10
N SER A 22 4.03 1.57 -8.98
CA SER A 22 4.30 2.54 -10.03
C SER A 22 3.09 2.47 -11.00
N VAL A 23 2.65 3.64 -11.42
CA VAL A 23 1.54 3.80 -12.36
C VAL A 23 1.76 5.02 -13.29
N THR A 24 0.98 5.06 -14.37
CA THR A 24 1.05 6.27 -15.20
C THR A 24 -0.44 6.73 -15.40
N ARG A 25 -0.49 8.04 -15.63
CA ARG A 25 -1.82 8.66 -15.98
C ARG A 25 -1.46 9.47 -17.24
N GLY A 26 -1.50 8.85 -18.42
CA GLY A 26 -1.12 9.64 -19.63
C GLY A 26 0.40 9.83 -19.45
N ALA A 27 0.96 10.99 -19.74
CA ALA A 27 2.38 11.18 -19.60
C ALA A 27 2.77 11.37 -18.13
N THR A 28 1.87 11.48 -17.19
CA THR A 28 2.22 11.69 -15.79
C THR A 28 2.65 10.39 -15.09
N LYS A 29 3.74 10.47 -14.38
CA LYS A 29 4.27 9.29 -13.64
C LYS A 29 3.62 9.47 -12.25
N GLY A 30 3.39 8.35 -11.55
CA GLY A 30 2.80 8.40 -10.19
C GLY A 30 3.03 7.04 -9.49
N PHE A 31 2.61 7.00 -8.23
CA PHE A 31 2.55 5.73 -7.52
C PHE A 31 1.25 5.72 -6.76
N VAL A 32 0.63 4.61 -6.56
CA VAL A 32 -0.59 4.47 -5.74
C VAL A 32 -0.09 4.12 -4.33
N THR A 33 -0.89 4.61 -3.37
CA THR A 33 -0.58 4.39 -1.93
C THR A 33 -1.86 4.50 -1.12
N ALA A 34 -1.77 4.59 0.20
CA ALA A 34 -2.93 4.66 1.09
C ALA A 34 -3.33 6.14 1.24
N GLY A 35 -4.65 6.36 1.35
N GLY A 35 -4.65 6.32 1.27
CA GLY A 35 -5.21 7.69 1.52
CA GLY A 35 -5.25 7.64 1.40
C GLY A 35 -4.86 8.26 2.90
C GLY A 35 -4.92 8.32 2.73
N HIS A 36 -4.77 7.37 3.87
N HIS A 36 -4.86 7.52 3.79
CA HIS A 36 -4.43 7.83 5.23
CA HIS A 36 -4.57 8.13 5.10
C HIS A 36 -3.06 8.48 5.21
C HIS A 36 -3.15 8.64 5.18
N CYS A 37 -2.17 8.10 4.30
N CYS A 37 -2.29 8.25 4.27
CA CYS A 37 -0.83 8.70 4.28
CA CYS A 37 -0.89 8.72 4.32
C CYS A 37 -0.71 10.20 4.06
C CYS A 37 -0.73 10.22 4.11
N GLY A 38 -1.56 10.86 3.31
CA GLY A 38 -1.43 12.30 3.08
C GLY A 38 -2.67 13.00 2.56
N THR A 39 -2.67 14.32 2.61
CA THR A 39 -3.84 15.02 2.04
C THR A 39 -3.40 15.54 0.68
N VAL A 40 -4.38 15.95 -0.12
CA VAL A 40 -4.09 16.45 -1.47
C VAL A 40 -2.99 17.49 -1.33
N ASN A 41 -2.03 17.56 -2.21
CA ASN A 41 -0.93 18.48 -2.22
C ASN A 41 0.12 18.23 -1.15
N ALA A 42 0.03 17.23 -0.31
CA ALA A 42 1.12 17.01 0.66
C ALA A 42 2.35 16.61 -0.19
N THR A 43 3.54 16.92 0.29
CA THR A 43 4.82 16.67 -0.32
C THR A 43 5.42 15.33 0.01
N ALA A 44 5.76 14.52 -0.97
CA ALA A 44 6.34 13.18 -0.66
C ALA A 44 7.84 13.27 -0.92
N ARG A 45 8.65 12.68 -0.08
CA ARG A 45 10.11 12.72 -0.28
C ARG A 45 10.62 11.30 -0.21
N ILE A 46 11.63 11.00 -0.97
CA ILE A 46 12.28 9.69 -0.95
C ILE A 46 13.77 10.04 -0.77
N GLY A 47 14.29 9.46 0.29
CA GLY A 47 15.71 9.67 0.66
C GLY A 47 16.05 11.15 0.75
N GLY A 48 15.13 11.84 1.42
CA GLY A 48 15.32 13.29 1.55
C GLY A 48 15.05 14.21 0.36
N ALA A 49 14.82 13.70 -0.83
CA ALA A 49 14.49 14.55 -1.96
C ALA A 49 13.00 14.54 -2.29
N VAL A 50 12.49 15.69 -2.68
CA VAL A 50 11.09 15.86 -3.09
C VAL A 50 10.89 15.06 -4.37
N VAL A 51 9.87 14.20 -4.41
CA VAL A 51 9.63 13.37 -5.60
C VAL A 51 8.25 13.67 -6.20
N GLY A 52 7.36 14.27 -5.45
CA GLY A 52 6.03 14.60 -6.05
C GLY A 52 5.07 15.04 -4.97
N THR A 53 3.78 15.12 -5.24
CA THR A 53 2.82 15.54 -4.23
C THR A 53 1.57 14.68 -4.44
N PHE A 54 0.72 14.65 -3.42
CA PHE A 54 -0.49 13.85 -3.40
C PHE A 54 -1.42 14.42 -4.46
N ALA A 55 -1.86 13.65 -5.46
CA ALA A 55 -2.77 14.31 -6.42
C ALA A 55 -4.21 14.12 -6.06
N ALA A 56 -4.53 13.04 -5.37
CA ALA A 56 -5.93 12.81 -4.97
C ALA A 56 -5.93 11.79 -3.86
N ARG A 57 -6.96 11.77 -3.03
CA ARG A 57 -7.02 10.69 -1.99
C ARG A 57 -8.44 10.53 -1.50
N VAL A 58 -8.79 9.42 -0.95
CA VAL A 58 -10.11 9.26 -0.30
C VAL A 58 -9.79 8.60 1.05
N PHE A 59 -10.19 9.20 2.16
CA PHE A 59 -10.02 8.48 3.45
C PHE A 59 -10.78 9.32 4.48
N PRO A 60 -11.54 8.73 5.36
CA PRO A 60 -11.91 7.33 5.51
C PRO A 60 -12.98 6.97 4.49
N GLY A 61 -13.81 5.96 4.67
CA GLY A 61 -14.74 5.57 3.57
C GLY A 61 -14.04 4.43 2.78
N ASN A 62 -13.03 4.90 2.02
CA ASN A 62 -12.07 4.05 1.26
C ASN A 62 -10.71 4.45 1.88
N ASP A 63 -9.66 3.88 1.31
N ASP A 63 -9.62 3.96 1.31
CA ASP A 63 -8.32 4.23 1.83
CA ASP A 63 -8.30 4.35 1.84
C ASP A 63 -7.39 4.20 0.61
C ASP A 63 -7.33 4.24 0.67
N ARG A 64 -7.36 5.23 -0.19
CA ARG A 64 -6.52 5.24 -1.41
C ARG A 64 -6.01 6.64 -1.75
N ALA A 65 -4.95 6.61 -2.49
CA ALA A 65 -4.39 7.87 -3.03
C ALA A 65 -3.43 7.59 -4.15
N TRP A 66 -3.02 8.60 -4.87
CA TRP A 66 -1.96 8.46 -5.90
C TRP A 66 -1.16 9.73 -5.73
N VAL A 67 0.13 9.65 -5.95
CA VAL A 67 1.09 10.77 -5.84
C VAL A 67 1.60 11.06 -7.25
N SER A 68 1.50 12.31 -7.73
CA SER A 68 2.02 12.50 -9.09
C SER A 68 3.51 12.88 -8.86
N LEU A 69 4.38 12.24 -9.65
CA LEU A 69 5.82 12.46 -9.47
C LEU A 69 6.42 13.41 -10.49
N THR A 70 7.59 13.90 -10.22
CA THR A 70 8.27 14.75 -11.25
C THR A 70 8.77 13.82 -12.36
N SER A 71 9.00 14.41 -13.53
CA SER A 71 9.40 13.56 -14.69
C SER A 71 10.78 12.97 -14.40
N ALA A 72 11.50 13.47 -13.42
CA ALA A 72 12.82 12.87 -13.19
C ALA A 72 12.83 11.49 -12.51
N GLN A 73 11.71 11.12 -11.92
CA GLN A 73 11.59 9.79 -11.26
C GLN A 73 11.57 8.65 -12.27
N THR A 74 12.03 7.51 -11.83
CA THR A 74 12.08 6.30 -12.69
C THR A 74 11.05 5.32 -12.17
N LEU A 75 10.07 5.03 -12.98
CA LEU A 75 9.04 4.07 -12.51
C LEU A 75 9.52 2.66 -12.81
N LEU A 76 9.35 1.72 -11.94
CA LEU A 76 9.75 0.33 -12.22
C LEU A 76 8.59 -0.59 -11.88
N PRO A 77 8.48 -1.65 -12.64
CA PRO A 77 7.40 -2.64 -12.46
C PRO A 77 7.84 -3.68 -11.44
N ARG A 78 8.27 -3.17 -10.27
CA ARG A 78 8.79 -4.14 -9.26
C ARG A 78 8.38 -3.82 -7.82
N VAL A 79 8.39 -4.86 -7.01
CA VAL A 79 8.07 -4.73 -5.56
C VAL A 79 9.30 -5.30 -4.84
N ALA A 80 9.70 -4.59 -3.80
CA ALA A 80 10.88 -5.04 -2.99
C ALA A 80 10.59 -6.27 -2.18
N ASN A 81 11.53 -7.22 -2.19
CA ASN A 81 11.51 -8.46 -1.40
C ASN A 81 12.96 -8.54 -0.87
N GLY A 82 13.22 -7.90 0.26
CA GLY A 82 14.65 -7.94 0.74
C GLY A 82 15.45 -7.16 -0.37
N SER A 83 16.51 -7.81 -0.80
N SER A 83 16.50 -7.82 -0.83
CA SER A 83 17.40 -7.25 -1.82
CA SER A 83 17.40 -7.31 -1.86
C SER A 83 16.94 -7.67 -3.21
C SER A 83 17.01 -7.81 -3.25
N SER A 84 15.95 -8.53 -3.28
N SER A 84 15.91 -8.52 -3.33
CA SER A 84 15.42 -9.06 -4.55
CA SER A 84 15.42 -9.06 -4.62
C SER A 84 14.17 -8.30 -4.95
C SER A 84 14.17 -8.28 -4.96
N PHE A 85 13.56 -8.72 -6.05
CA PHE A 85 12.33 -7.99 -6.51
C PHE A 85 11.25 -8.96 -7.01
N VAL A 86 9.99 -8.59 -6.95
CA VAL A 86 8.91 -9.37 -7.53
C VAL A 86 8.47 -8.51 -8.76
N THR A 87 8.37 -9.09 -9.93
CA THR A 87 7.95 -8.31 -11.09
C THR A 87 6.44 -8.15 -11.12
N VAL A 88 5.97 -6.96 -11.36
CA VAL A 88 4.49 -6.74 -11.44
C VAL A 88 4.02 -7.14 -12.86
N ARG A 89 3.06 -8.01 -12.98
CA ARG A 89 2.56 -8.49 -14.26
C ARG A 89 1.14 -8.10 -14.55
N GLY A 90 0.38 -7.68 -13.56
CA GLY A 90 -1.03 -7.29 -13.84
C GLY A 90 -1.77 -7.14 -12.50
N SER A 91 -3.10 -7.09 -12.60
CA SER A 91 -3.90 -6.91 -11.38
C SER A 91 -5.07 -7.85 -11.29
N THR A 92 -4.87 -9.13 -11.67
CA THR A 92 -5.95 -10.08 -11.51
C THR A 92 -6.20 -10.23 -9.98
N GLU A 93 -7.41 -10.10 -9.57
CA GLU A 93 -7.73 -10.24 -8.12
C GLU A 93 -7.73 -11.67 -7.68
N ALA A 94 -7.00 -12.06 -6.60
CA ALA A 94 -6.98 -13.45 -6.16
C ALA A 94 -8.19 -13.67 -5.29
N ALA A 95 -8.56 -14.93 -5.14
CA ALA A 95 -9.73 -15.30 -4.34
C ALA A 95 -9.36 -15.57 -2.90
N VAL A 96 -10.37 -15.71 -2.04
CA VAL A 96 -10.18 -16.09 -0.64
C VAL A 96 -9.50 -17.48 -0.71
N GLY A 97 -8.52 -17.56 0.15
CA GLY A 97 -7.64 -18.70 0.29
C GLY A 97 -6.34 -18.58 -0.49
N ALA A 98 -6.15 -17.64 -1.37
CA ALA A 98 -4.90 -17.60 -2.14
C ALA A 98 -3.77 -17.09 -1.27
N ALA A 99 -2.57 -17.41 -1.64
CA ALA A 99 -1.40 -16.93 -0.85
C ALA A 99 -1.12 -15.55 -1.40
N VAL A 100 -0.69 -14.67 -0.50
CA VAL A 100 -0.34 -13.28 -0.99
C VAL A 100 0.80 -12.77 -0.11
N CYS A 101 1.59 -11.80 -0.60
CA CYS A 101 2.67 -11.23 0.22
C CYS A 101 2.49 -9.72 0.21
N ARG A 102 3.10 -9.05 1.15
CA ARG A 102 2.99 -7.52 1.16
C ARG A 102 4.43 -7.04 1.46
N SER A 103 4.73 -5.82 1.02
CA SER A 103 6.06 -5.24 1.19
C SER A 103 5.84 -3.82 1.75
N GLY A 104 6.72 -3.47 2.72
CA GLY A 104 6.56 -2.11 3.36
C GLY A 104 7.88 -1.82 4.10
N ARG A 105 8.14 -0.58 4.45
CA ARG A 105 9.36 -0.17 5.07
C ARG A 105 9.53 -0.64 6.50
N THR A 106 8.52 -1.11 7.21
CA THR A 106 8.70 -1.49 8.63
C THR A 106 8.94 -2.97 8.79
N THR A 107 8.08 -3.84 8.33
CA THR A 107 8.27 -5.29 8.48
C THR A 107 8.86 -5.96 7.26
N GLY A 108 9.18 -5.26 6.19
CA GLY A 108 9.76 -5.87 5.00
C GLY A 108 8.69 -6.67 4.25
N TYR A 109 9.06 -7.79 3.70
CA TYR A 109 8.16 -8.64 2.83
C TYR A 109 7.64 -9.78 3.64
N GLN A 110 6.33 -9.86 3.80
CA GLN A 110 5.67 -10.86 4.65
C GLN A 110 4.58 -11.54 3.82
N CYS A 111 4.40 -12.84 4.01
CA CYS A 111 3.40 -13.55 3.20
C CYS A 111 2.38 -14.22 4.08
N GLY A 112 1.22 -14.58 3.56
CA GLY A 112 0.15 -15.21 4.32
C GLY A 112 -0.92 -15.56 3.22
N THR A 113 -2.13 -15.57 3.74
CA THR A 113 -3.20 -15.89 2.75
C THR A 113 -4.31 -14.89 3.00
N ILE A 114 -5.13 -14.80 1.97
CA ILE A 114 -6.32 -13.94 2.01
C ILE A 114 -7.42 -14.70 2.78
N THR A 115 -7.95 -14.06 3.77
CA THR A 115 -8.96 -14.78 4.59
C THR A 115 -10.41 -14.30 4.46
N ALA A 116 -10.60 -13.09 4.02
CA ALA A 116 -11.98 -12.56 3.91
C ALA A 116 -11.94 -11.33 3.01
N LYS A 117 -13.08 -11.00 2.40
CA LYS A 117 -13.16 -9.83 1.54
C LYS A 117 -14.30 -8.98 2.09
N ASN A 118 -14.37 -7.73 1.62
CA ASN A 118 -15.45 -6.84 2.04
C ASN A 118 -15.50 -6.64 3.55
N VAL A 119 -14.37 -6.45 4.19
CA VAL A 119 -14.31 -6.21 5.63
C VAL A 119 -14.32 -4.71 5.89
N THR A 120 -15.03 -4.32 6.95
CA THR A 120 -15.12 -2.92 7.44
C THR A 120 -14.11 -2.72 8.59
N ALA A 121 -13.30 -1.67 8.48
CA ALA A 121 -12.35 -1.35 9.58
C ALA A 121 -12.99 -0.11 10.24
N ASN A 122 -13.18 -0.14 11.56
CA ASN A 122 -13.74 1.05 12.25
C ASN A 122 -12.55 1.84 12.78
N TYR A 123 -11.91 2.63 11.98
CA TYR A 123 -10.75 3.38 12.51
C TYR A 123 -11.32 4.58 13.31
N ALA A 124 -10.45 5.16 14.14
CA ALA A 124 -10.92 6.36 14.90
C ALA A 124 -11.46 7.44 13.98
N GLU A 125 -10.89 7.63 12.79
CA GLU A 125 -11.32 8.65 11.86
C GLU A 125 -12.70 8.42 11.23
N GLY A 126 -13.14 7.19 11.22
CA GLY A 126 -14.39 6.77 10.59
C GLY A 126 -14.16 5.41 9.95
N ALA A 127 -15.21 4.72 9.55
CA ALA A 127 -15.09 3.37 8.96
C ALA A 127 -14.49 3.47 7.54
N VAL A 128 -13.87 2.40 7.17
CA VAL A 128 -13.31 2.17 5.82
C VAL A 128 -13.95 0.82 5.48
N ARG A 129 -14.73 0.86 4.40
N ARG A 129 -14.78 0.84 4.44
CA ARG A 129 -15.41 -0.37 4.00
CA ARG A 129 -15.49 -0.34 3.98
C ARG A 129 -14.78 -1.07 2.83
C ARG A 129 -14.83 -1.05 2.80
N GLY A 130 -15.18 -2.32 2.60
CA GLY A 130 -14.69 -3.10 1.46
C GLY A 130 -13.24 -3.54 1.42
N LEU A 131 -12.63 -3.67 2.58
CA LEU A 131 -11.20 -4.08 2.53
C LEU A 131 -11.10 -5.59 2.45
N THR A 132 -9.95 -6.06 2.00
CA THR A 132 -9.70 -7.52 1.93
C THR A 132 -8.76 -7.78 3.14
N GLN A 133 -9.05 -8.90 3.79
CA GLN A 133 -8.20 -9.26 4.96
C GLN A 133 -7.25 -10.42 4.63
N GLY A 134 -6.01 -10.31 5.09
CA GLY A 134 -4.99 -11.32 4.91
C GLY A 134 -4.38 -11.56 6.29
N ASN A 135 -3.56 -12.59 6.39
CA ASN A 135 -2.94 -12.84 7.71
C ASN A 135 -1.43 -12.70 7.63
N ALA A 136 -0.89 -12.04 6.60
CA ALA A 136 0.54 -11.74 6.57
C ALA A 136 0.66 -10.65 7.65
N CYS A 137 1.73 -10.55 8.42
CA CYS A 137 1.85 -9.53 9.49
C CYS A 137 2.29 -8.21 8.83
N MET A 138 2.21 -7.14 9.61
CA MET A 138 2.53 -5.77 9.15
C MET A 138 2.74 -4.88 10.38
N GLY A 139 3.25 -3.68 10.21
CA GLY A 139 3.46 -2.77 11.33
C GLY A 139 3.31 -1.32 10.96
N ARG A 140 3.44 -0.44 11.93
CA ARG A 140 3.35 1.01 11.72
C ARG A 140 4.43 1.40 10.70
N GLY A 141 3.94 2.04 9.61
CA GLY A 141 4.86 2.46 8.54
C GLY A 141 4.65 1.63 7.24
N ASP A 142 4.03 0.49 7.36
CA ASP A 142 3.76 -0.35 6.19
C ASP A 142 2.59 0.20 5.34
N SER A 143 1.82 1.12 5.88
N SER A 143 1.83 1.12 5.88
CA SER A 143 0.64 1.63 5.12
CA SER A 143 0.65 1.64 5.14
C SER A 143 1.03 2.10 3.73
C SER A 143 1.02 2.09 3.74
N GLY A 144 0.15 1.77 2.79
CA GLY A 144 0.36 2.15 1.39
C GLY A 144 1.17 1.11 0.63
N GLY A 145 1.85 0.22 1.35
CA GLY A 145 2.71 -0.72 0.62
C GLY A 145 1.97 -1.79 -0.20
N SER A 146 2.73 -2.39 -1.10
CA SER A 146 2.13 -3.37 -2.05
C SER A 146 1.61 -4.66 -1.46
N TRP A 147 0.51 -5.20 -1.98
CA TRP A 147 0.07 -6.55 -1.62
C TRP A 147 0.14 -7.22 -3.03
N ILE A 148 0.83 -8.33 -3.17
CA ILE A 148 0.95 -8.95 -4.50
C ILE A 148 1.11 -10.47 -4.38
N THR A 149 0.71 -11.21 -5.40
CA THR A 149 0.92 -12.68 -5.32
C THR A 149 2.34 -12.90 -5.79
N SER A 150 2.94 -14.07 -5.55
CA SER A 150 4.32 -14.36 -5.99
C SER A 150 4.27 -14.44 -7.49
N ALA A 151 3.10 -14.64 -8.09
CA ALA A 151 3.09 -14.62 -9.56
C ALA A 151 3.05 -13.20 -10.09
N GLY A 152 3.07 -12.17 -9.26
CA GLY A 152 3.10 -10.83 -9.83
C GLY A 152 1.76 -10.14 -10.08
N GLN A 153 0.71 -10.70 -9.52
CA GLN A 153 -0.59 -10.00 -9.71
C GLN A 153 -0.75 -9.06 -8.52
N ALA A 154 -0.69 -7.76 -8.82
CA ALA A 154 -0.85 -6.75 -7.75
C ALA A 154 -2.28 -6.78 -7.17
N GLN A 155 -2.45 -6.89 -5.85
CA GLN A 155 -3.77 -7.00 -5.20
C GLN A 155 -4.33 -5.70 -4.56
N GLY A 156 -3.43 -4.86 -4.02
CA GLY A 156 -3.96 -3.66 -3.34
C GLY A 156 -2.88 -3.03 -2.46
N VAL A 157 -3.33 -2.07 -1.67
CA VAL A 157 -2.34 -1.34 -0.83
C VAL A 157 -2.71 -1.47 0.64
N MET A 158 -1.67 -1.57 1.46
CA MET A 158 -1.82 -1.76 2.93
C MET A 158 -2.63 -0.62 3.57
N SER A 159 -3.71 -0.94 4.33
CA SER A 159 -4.48 0.10 4.99
C SER A 159 -4.23 0.05 6.51
N GLY A 160 -4.56 -1.08 7.17
CA GLY A 160 -4.37 -1.12 8.62
C GLY A 160 -4.74 -2.50 9.15
N GLY A 161 -4.95 -2.50 10.47
CA GLY A 161 -5.29 -3.72 11.20
C GLY A 161 -4.94 -3.76 12.70
N ASN A 162 -4.89 -5.00 13.19
CA ASN A 162 -4.71 -5.09 14.67
C ASN A 162 -3.28 -5.10 15.19
N VAL A 163 -2.71 -3.91 15.07
CA VAL A 163 -1.34 -3.70 15.55
C VAL A 163 -1.41 -3.90 17.08
N GLN A 164 -0.37 -4.51 17.58
CA GLN A 164 -0.22 -4.76 19.04
C GLN A 164 0.63 -3.60 19.60
N SER A 165 0.90 -3.69 20.90
CA SER A 165 1.71 -2.63 21.53
C SER A 165 3.14 -2.54 21.00
N ASN A 166 3.71 -3.53 20.35
CA ASN A 166 5.08 -3.38 19.83
C ASN A 166 5.03 -2.74 18.45
N GLY A 167 3.86 -2.27 18.05
CA GLY A 167 3.75 -1.62 16.73
C GLY A 167 3.50 -2.52 15.50
N ASN A 168 3.34 -3.81 15.68
CA ASN A 168 3.05 -4.69 14.53
C ASN A 168 2.14 -5.78 15.05
N ASN A 169 1.79 -6.72 14.21
CA ASN A 169 0.97 -7.89 14.55
C ASN A 169 1.85 -9.09 14.22
N CYS A 170 3.16 -8.94 14.06
CA CYS A 170 4.03 -10.09 13.76
C CYS A 170 4.26 -10.96 15.00
N GLY A 171 4.03 -10.54 16.21
CA GLY A 171 4.27 -11.33 17.39
C GLY A 171 3.08 -12.15 17.80
N ILE A 172 1.96 -12.27 17.12
CA ILE A 172 0.76 -13.02 17.39
C ILE A 172 0.61 -14.00 16.20
N PRO A 173 -0.03 -15.12 16.45
CA PRO A 173 -0.12 -16.16 15.40
C PRO A 173 -0.91 -15.71 14.19
N ALA A 174 -0.64 -16.28 13.05
CA ALA A 174 -1.34 -15.88 11.81
C ALA A 174 -2.84 -15.95 12.03
N SER A 175 -3.27 -16.94 12.76
CA SER A 175 -4.73 -17.09 13.00
C SER A 175 -5.35 -15.86 13.66
N GLN A 176 -4.67 -15.06 14.40
CA GLN A 176 -5.21 -13.91 15.08
C GLN A 176 -4.91 -12.62 14.37
N ARG A 177 -4.28 -12.64 13.23
CA ARG A 177 -3.97 -11.33 12.59
C ARG A 177 -5.08 -10.81 11.69
N SER A 178 -5.32 -9.54 11.68
CA SER A 178 -6.29 -8.95 10.73
C SER A 178 -5.44 -7.88 10.03
N SER A 179 -5.01 -8.10 8.82
CA SER A 179 -4.16 -7.16 8.08
C SER A 179 -5.02 -6.82 6.87
N LEU A 180 -5.45 -5.57 6.75
CA LEU A 180 -6.40 -5.13 5.73
C LEU A 180 -5.81 -4.29 4.60
N PHE A 181 -6.27 -4.58 3.38
CA PHE A 181 -5.75 -3.85 2.23
C PHE A 181 -6.90 -3.33 1.36
N GLU A 182 -6.60 -2.20 0.76
CA GLU A 182 -7.60 -1.61 -0.17
C GLU A 182 -7.33 -2.26 -1.53
N ARG A 183 -8.38 -2.73 -2.18
CA ARG A 183 -8.24 -3.44 -3.49
C ARG A 183 -7.65 -2.51 -4.53
N LEU A 184 -6.79 -2.93 -5.40
CA LEU A 184 -6.21 -1.98 -6.38
C LEU A 184 -7.16 -1.69 -7.54
N GLN A 185 -7.99 -2.64 -7.99
CA GLN A 185 -8.87 -2.38 -9.15
C GLN A 185 -9.64 -1.09 -9.10
N PRO A 186 -10.37 -0.81 -8.05
CA PRO A 186 -11.12 0.44 -7.92
C PRO A 186 -10.25 1.66 -7.90
N ILE A 187 -9.03 1.59 -7.40
CA ILE A 187 -8.18 2.80 -7.43
C ILE A 187 -7.77 3.02 -8.89
N LEU A 188 -7.35 2.02 -9.68
CA LEU A 188 -6.93 2.26 -11.06
C LEU A 188 -8.11 2.88 -11.88
N SER A 189 -9.30 2.35 -11.71
CA SER A 189 -10.43 2.91 -12.49
C SER A 189 -10.85 4.29 -11.98
N GLN A 190 -10.90 4.53 -10.70
CA GLN A 190 -11.33 5.81 -10.14
C GLN A 190 -10.42 6.90 -10.71
N TYR A 191 -9.10 6.68 -10.78
CA TYR A 191 -8.22 7.76 -11.24
C TYR A 191 -7.64 7.65 -12.65
N GLY A 192 -8.11 6.64 -13.36
CA GLY A 192 -7.68 6.47 -14.78
C GLY A 192 -6.21 6.06 -14.85
N LEU A 193 -5.71 5.23 -13.96
CA LEU A 193 -4.27 4.89 -13.95
C LEU A 193 -3.97 3.56 -14.63
N SER A 194 -2.75 3.50 -15.18
CA SER A 194 -2.33 2.19 -15.75
C SER A 194 -1.13 1.69 -14.95
N LEU A 195 -1.19 0.43 -14.58
CA LEU A 195 -0.07 -0.14 -13.78
C LEU A 195 1.13 -0.29 -14.69
N VAL A 196 2.32 -0.03 -14.19
CA VAL A 196 3.58 -0.26 -14.94
C VAL A 196 3.90 -1.73 -14.76
N THR A 197 4.09 -2.48 -15.84
CA THR A 197 4.37 -3.93 -15.71
C THR A 197 5.63 -4.36 -16.42
N GLY A 198 6.17 -5.53 -16.14
CA GLY A 198 7.40 -5.96 -16.81
C GLY A 198 7.36 -7.45 -17.10
N ALA B 2 -8.74 -1.70 15.43
CA ALA B 2 -7.96 -1.58 14.20
C ALA B 2 -7.48 -0.12 14.05
N ALA B 3 -6.29 -0.02 13.51
CA ALA B 3 -5.76 1.35 13.27
C ALA B 3 -5.10 1.32 11.88
N PRO B 4 -5.13 2.45 11.20
CA PRO B 4 -4.41 2.56 9.91
C PRO B 4 -2.91 2.56 10.22
N ALA B 7 3.09 5.80 9.84
CA ALA B 7 4.08 5.82 10.91
C ALA B 7 4.51 7.29 11.01
N ALA C 2 -8.73 -1.69 15.45
CA ALA C 2 -8.01 -1.55 14.19
C ALA C 2 -7.51 -0.10 14.04
N ALA C 3 -6.32 0.00 13.49
CA ALA C 3 -5.76 1.35 13.26
C ALA C 3 -5.09 1.31 11.88
N PRO C 4 -5.11 2.44 11.20
CA PRO C 4 -4.40 2.55 9.91
C PRO C 4 -2.91 2.55 10.22
#